data_4K8G
#
_entry.id   4K8G
#
_cell.length_a   125.770
_cell.length_b   125.770
_cell.length_c   119.740
_cell.angle_alpha   90.000
_cell.angle_beta   90.000
_cell.angle_gamma   90.000
#
_symmetry.space_group_name_H-M   'I 4 2 2'
#
loop_
_entity.id
_entity.type
_entity.pdbx_description
1 polymer 'Mandelate racemase/muconate lactonizing enzyme, N-terminal domain protein'
2 non-polymer GLYCEROL
3 non-polymer 'MAGNESIUM ION'
4 water water
#
_entity_poly.entity_id   1
_entity_poly.type   'polypeptide(L)'
_entity_poly.pdbx_seq_one_letter_code
;MGSSHHHHHHSSGLVPRGSHMKITAARVIITCPGRNFVTLKIETDQGVYGIGDATLNGRELSVVAYLQEHVAPCLIGMDP
RRIEDIWQYVYRGAYWRRGPVTMRAIAAVDMALWDIKAKMAGMPLYQLLGGRSRDGIMVYGHANGSDIAETVEAVGHYID
MGYKAIRAQTGVPGIKDAYGAGAGGAGAGPADASLPSVTGWDTRKALNYVPKLFEELRKTYGFDHHLLHDGHHRYTPQEA
ANLGKMLEPYQLFWLEDCTPAENQEAFRLVRQHTVTPLAVGEIFNTIWDAKDLIQNQLIDYIRATVVGAGGLTHLRRIAD
LASLYQVRTGCHGATDLSPVTMGCALHFDTWVPNFGIQEYMRHTEETDAVFPHDYWFEKGELFVGETPGHGVDIDEELAA
KYPYKPAYLPVARLEDGTMWNW
;
_entity_poly.pdbx_strand_id   A
#
# COMPACT_ATOMS: atom_id res chain seq x y z
N HIS A 20 10.25 -31.12 15.14
CA HIS A 20 9.59 -30.30 14.14
C HIS A 20 10.59 -29.72 13.14
N MET A 21 10.11 -29.38 11.94
CA MET A 21 10.93 -28.65 10.98
C MET A 21 11.30 -27.31 11.62
N LYS A 22 12.44 -26.77 11.23
CA LYS A 22 12.98 -25.60 11.90
C LYS A 22 13.47 -24.55 10.90
N ILE A 23 13.36 -23.30 11.31
CA ILE A 23 14.02 -22.20 10.61
C ILE A 23 15.53 -22.31 10.83
N THR A 24 16.28 -22.32 9.74
CA THR A 24 17.74 -22.41 9.82
C THR A 24 18.43 -21.06 9.59
N ALA A 25 17.77 -20.18 8.83
CA ALA A 25 18.30 -18.85 8.57
C ALA A 25 17.15 -17.90 8.24
N ALA A 26 17.33 -16.63 8.58
CA ALA A 26 16.38 -15.58 8.19
C ALA A 26 17.25 -14.43 7.74
N ARG A 27 17.46 -14.34 6.42
CA ARG A 27 18.49 -13.51 5.83
C ARG A 27 17.90 -12.29 5.16
N VAL A 28 18.56 -11.15 5.35
CA VAL A 28 18.12 -9.89 4.73
C VAL A 28 18.91 -9.63 3.44
N ILE A 29 18.19 -9.32 2.36
CA ILE A 29 18.80 -9.07 1.06
C ILE A 29 18.39 -7.68 0.62
N ILE A 30 19.36 -6.87 0.23
CA ILE A 30 19.14 -5.49 -0.19
C ILE A 30 19.53 -5.32 -1.66
N THR A 31 18.71 -4.60 -2.43
CA THR A 31 18.99 -4.40 -3.86
C THR A 31 18.34 -3.10 -4.32
N CYS A 32 18.89 -2.51 -5.39
CA CYS A 32 18.35 -1.27 -5.93
C CYS A 32 18.18 -1.30 -7.47
N PRO A 33 17.27 -2.14 -7.97
CA PRO A 33 17.03 -2.26 -9.42
C PRO A 33 16.08 -1.15 -9.90
N GLY A 34 16.51 0.10 -9.73
CA GLY A 34 15.70 1.26 -10.07
C GLY A 34 15.30 2.06 -8.84
N ARG A 35 15.17 1.37 -7.70
CA ARG A 35 14.92 1.96 -6.39
C ARG A 35 15.21 0.88 -5.36
N ASN A 36 15.31 1.27 -4.09
CA ASN A 36 15.69 0.34 -3.02
C ASN A 36 14.57 -0.62 -2.61
N PHE A 37 14.92 -1.89 -2.48
CA PHE A 37 14.03 -2.89 -1.88
C PHE A 37 14.81 -3.74 -0.87
N VAL A 38 14.13 -4.07 0.23
CA VAL A 38 14.68 -4.96 1.25
C VAL A 38 13.76 -6.18 1.33
N THR A 39 14.38 -7.36 1.36
CA THR A 39 13.66 -8.64 1.33
C THR A 39 14.19 -9.54 2.43
N LEU A 40 13.29 -10.24 3.12
CA LEU A 40 13.69 -11.27 4.07
C LEU A 40 13.47 -12.65 3.44
N LYS A 41 14.47 -13.52 3.55
CA LYS A 41 14.33 -14.90 3.11
C LYS A 41 14.47 -15.84 4.29
N ILE A 42 13.40 -16.57 4.60
CA ILE A 42 13.42 -17.54 5.69
C ILE A 42 13.66 -18.92 5.10
N GLU A 43 14.75 -19.55 5.54
CA GLU A 43 15.16 -20.87 5.06
C GLU A 43 14.90 -21.90 6.15
N THR A 44 14.65 -23.14 5.75
CA THR A 44 14.31 -24.20 6.69
C THR A 44 15.19 -25.44 6.49
N ASP A 45 15.15 -26.34 7.46
CA ASP A 45 15.95 -27.56 7.39
C ASP A 45 15.33 -28.63 6.49
N GLN A 46 14.14 -28.36 5.97
CA GLN A 46 13.55 -29.29 5.00
C GLN A 46 13.93 -28.93 3.56
N GLY A 47 14.18 -27.65 3.33
CA GLY A 47 14.57 -27.17 2.01
C GLY A 47 13.73 -26.00 1.55
N VAL A 48 12.42 -26.07 1.84
CA VAL A 48 11.49 -25.03 1.45
C VAL A 48 11.91 -23.70 2.08
N TYR A 49 11.74 -22.62 1.34
CA TYR A 49 11.99 -21.28 1.85
C TYR A 49 10.83 -20.36 1.49
N GLY A 50 10.79 -19.20 2.15
CA GLY A 50 9.79 -18.19 1.85
C GLY A 50 10.43 -16.82 1.85
N ILE A 51 9.84 -15.87 1.13
CA ILE A 51 10.34 -14.50 1.13
C ILE A 51 9.27 -13.48 1.47
N GLY A 52 9.69 -12.37 2.07
CA GLY A 52 8.79 -11.30 2.46
C GLY A 52 9.39 -9.94 2.21
N ASP A 53 8.55 -8.96 1.88
CA ASP A 53 9.02 -7.57 1.69
C ASP A 53 9.19 -6.88 3.03
N ALA A 54 10.27 -6.12 3.15
CA ALA A 54 10.57 -5.32 4.35
C ALA A 54 10.82 -3.84 4.03
N THR A 55 10.54 -3.44 2.79
CA THR A 55 10.90 -2.10 2.30
C THR A 55 10.13 -0.98 3.00
N LEU A 56 10.86 -0.03 3.57
CA LEU A 56 10.28 1.16 4.19
C LEU A 56 10.90 2.39 3.52
N ASN A 57 10.17 2.97 2.57
CA ASN A 57 10.72 4.00 1.69
C ASN A 57 11.34 5.17 2.45
N GLY A 58 12.62 5.43 2.20
CA GLY A 58 13.34 6.53 2.81
C GLY A 58 13.92 6.26 4.20
N ARG A 59 13.63 5.08 4.76
CA ARG A 59 14.18 4.69 6.06
C ARG A 59 14.59 3.21 6.02
N GLU A 60 15.00 2.75 4.85
CA GLU A 60 15.11 1.31 4.58
C GLU A 60 16.03 0.56 5.53
N LEU A 61 17.16 1.16 5.88
CA LEU A 61 18.18 0.45 6.61
C LEU A 61 17.83 0.28 8.09
N SER A 62 16.86 1.06 8.59
N SER A 62 16.85 1.05 8.57
CA SER A 62 16.38 0.86 9.96
CA SER A 62 16.38 0.86 9.94
C SER A 62 15.70 -0.51 10.09
C SER A 62 15.71 -0.50 10.08
N VAL A 63 14.97 -0.91 9.06
CA VAL A 63 14.33 -2.23 9.05
C VAL A 63 15.36 -3.35 8.87
N VAL A 64 16.37 -3.10 8.03
CA VAL A 64 17.46 -4.06 7.87
C VAL A 64 18.05 -4.40 9.24
N ALA A 65 18.35 -3.37 10.02
CA ALA A 65 18.95 -3.58 11.34
C ALA A 65 17.97 -4.25 12.31
N TYR A 66 16.72 -3.79 12.32
CA TYR A 66 15.69 -4.38 13.19
C TYR A 66 15.62 -5.89 12.97
N LEU A 67 15.62 -6.30 11.70
CA LEU A 67 15.60 -7.72 11.33
C LEU A 67 16.93 -8.44 11.61
N GLN A 68 18.01 -7.95 11.04
CA GLN A 68 19.26 -8.68 11.08
C GLN A 68 19.89 -8.75 12.47
N GLU A 69 19.81 -7.65 13.21
N GLU A 69 19.81 -7.65 13.21
CA GLU A 69 20.49 -7.57 14.50
CA GLU A 69 20.49 -7.58 14.51
C GLU A 69 19.62 -8.02 15.68
C GLU A 69 19.62 -8.02 15.68
N HIS A 70 18.30 -8.04 15.48
CA HIS A 70 17.38 -8.31 16.59
C HIS A 70 16.36 -9.43 16.35
N VAL A 71 15.50 -9.29 15.36
CA VAL A 71 14.45 -10.30 15.17
C VAL A 71 14.97 -11.64 14.65
N ALA A 72 15.76 -11.61 13.57
CA ALA A 72 16.19 -12.85 12.94
C ALA A 72 16.88 -13.85 13.88
N PRO A 73 17.80 -13.39 14.75
CA PRO A 73 18.42 -14.34 15.67
C PRO A 73 17.42 -15.07 16.59
N CYS A 74 16.28 -14.45 16.89
CA CYS A 74 15.25 -15.10 17.70
C CYS A 74 14.48 -16.18 16.94
N LEU A 75 14.41 -16.04 15.62
CA LEU A 75 13.64 -16.97 14.81
C LEU A 75 14.33 -18.31 14.58
N ILE A 76 15.66 -18.31 14.67
CA ILE A 76 16.41 -19.53 14.40
C ILE A 76 15.96 -20.65 15.34
N GLY A 77 15.61 -21.79 14.76
CA GLY A 77 15.16 -22.92 15.56
C GLY A 77 13.66 -22.98 15.79
N MET A 78 12.94 -21.90 15.46
CA MET A 78 11.48 -21.91 15.60
C MET A 78 10.83 -22.76 14.50
N ASP A 79 9.60 -23.19 14.75
CA ASP A 79 8.81 -23.96 13.81
C ASP A 79 8.11 -22.99 12.86
N PRO A 80 8.52 -22.94 11.58
CA PRO A 80 7.96 -21.95 10.67
C PRO A 80 6.48 -22.18 10.33
N ARG A 81 5.94 -23.35 10.68
CA ARG A 81 4.51 -23.61 10.49
C ARG A 81 3.64 -22.77 11.43
N ARG A 82 4.24 -22.29 12.51
CA ARG A 82 3.50 -21.57 13.55
C ARG A 82 3.41 -20.07 13.25
N ILE A 83 2.67 -19.74 12.20
CA ILE A 83 2.59 -18.37 11.72
C ILE A 83 2.06 -17.42 12.79
N GLU A 84 0.93 -17.79 13.39
CA GLU A 84 0.30 -16.95 14.40
C GLU A 84 1.21 -16.78 15.62
N ASP A 85 1.78 -17.88 16.11
CA ASP A 85 2.65 -17.78 17.28
C ASP A 85 3.85 -16.87 17.02
N ILE A 86 4.45 -16.99 15.85
CA ILE A 86 5.60 -16.15 15.52
C ILE A 86 5.18 -14.69 15.39
N TRP A 87 4.03 -14.43 14.76
CA TRP A 87 3.50 -13.07 14.68
C TRP A 87 3.36 -12.47 16.08
N GLN A 88 2.73 -13.22 16.98
CA GLN A 88 2.51 -12.74 18.34
C GLN A 88 3.83 -12.56 19.09
N TYR A 89 4.77 -13.47 18.85
CA TYR A 89 6.09 -13.36 19.48
C TYR A 89 6.80 -12.08 19.08
N VAL A 90 6.81 -11.78 17.78
N VAL A 90 6.84 -11.78 17.78
CA VAL A 90 7.52 -10.60 17.31
CA VAL A 90 7.53 -10.58 17.33
C VAL A 90 6.77 -9.31 17.67
C VAL A 90 6.76 -9.30 17.69
N TYR A 91 5.44 -9.35 17.65
CA TYR A 91 4.62 -8.18 17.99
C TYR A 91 4.65 -7.87 19.50
N ARG A 92 4.26 -8.84 20.32
CA ARG A 92 4.22 -8.63 21.77
C ARG A 92 5.63 -8.60 22.36
N GLY A 93 6.50 -9.48 21.87
CA GLY A 93 7.82 -9.67 22.46
C GLY A 93 8.75 -8.49 22.30
N ALA A 94 8.45 -7.63 21.33
CA ALA A 94 9.23 -6.41 21.14
C ALA A 94 9.18 -5.47 22.35
N TYR A 95 8.11 -5.59 23.13
CA TYR A 95 7.83 -4.73 24.29
C TYR A 95 7.33 -3.34 23.87
N TRP A 96 8.12 -2.66 23.05
CA TRP A 96 7.75 -1.39 22.42
C TRP A 96 6.93 -1.74 21.18
N ARG A 97 5.63 -1.44 21.22
CA ARG A 97 4.68 -1.97 20.22
C ARG A 97 4.33 -1.03 19.09
N ARG A 98 3.98 -1.61 17.95
CA ARG A 98 3.53 -0.88 16.75
C ARG A 98 4.68 -0.12 16.11
N GLY A 99 4.37 0.65 15.06
CA GLY A 99 5.33 1.57 14.45
C GLY A 99 5.77 1.17 13.06
N PRO A 100 6.23 2.14 12.27
CA PRO A 100 6.58 1.86 10.88
C PRO A 100 7.70 0.81 10.72
N VAL A 101 8.76 0.94 11.51
CA VAL A 101 9.91 0.03 11.38
C VAL A 101 9.54 -1.34 11.92
N THR A 102 8.97 -1.36 13.12
CA THR A 102 8.54 -2.56 13.81
C THR A 102 7.63 -3.41 12.91
N MET A 103 6.62 -2.76 12.34
CA MET A 103 5.61 -3.50 11.59
C MET A 103 6.09 -3.94 10.21
N ARG A 104 7.04 -3.22 9.60
CA ARG A 104 7.66 -3.70 8.37
C ARG A 104 8.42 -4.99 8.63
N ALA A 105 9.12 -5.06 9.75
CA ALA A 105 9.86 -6.28 10.11
C ALA A 105 8.90 -7.46 10.29
N ILE A 106 7.84 -7.23 11.05
CA ILE A 106 6.82 -8.25 11.28
C ILE A 106 6.15 -8.70 9.98
N ALA A 107 5.84 -7.74 9.10
CA ALA A 107 5.24 -8.04 7.80
C ALA A 107 6.14 -8.95 6.96
N ALA A 108 7.44 -8.66 6.96
CA ALA A 108 8.38 -9.43 6.16
C ALA A 108 8.40 -10.89 6.63
N VAL A 109 8.46 -11.08 7.93
CA VAL A 109 8.40 -12.42 8.51
C VAL A 109 7.09 -13.13 8.12
N ASP A 110 5.98 -12.43 8.31
CA ASP A 110 4.66 -13.01 8.07
C ASP A 110 4.49 -13.42 6.60
N MET A 111 4.90 -12.56 5.67
CA MET A 111 4.83 -12.89 4.24
C MET A 111 5.65 -14.13 3.93
N ALA A 112 6.86 -14.20 4.48
CA ALA A 112 7.73 -15.34 4.22
C ALA A 112 7.13 -16.63 4.76
N LEU A 113 6.50 -16.56 5.93
CA LEU A 113 5.89 -17.75 6.53
C LEU A 113 4.64 -18.20 5.77
N TRP A 114 3.82 -17.26 5.32
CA TRP A 114 2.67 -17.64 4.48
C TRP A 114 3.13 -18.22 3.13
N ASP A 115 4.23 -17.72 2.59
CA ASP A 115 4.83 -18.23 1.36
C ASP A 115 5.20 -19.71 1.59
N ILE A 116 5.89 -20.01 2.69
CA ILE A 116 6.23 -21.38 3.05
C ILE A 116 4.99 -22.27 3.22
N LYS A 117 3.99 -21.76 3.94
CA LYS A 117 2.76 -22.52 4.18
C LYS A 117 2.07 -22.91 2.86
N ALA A 118 1.93 -21.94 1.96
CA ALA A 118 1.29 -22.20 0.67
C ALA A 118 2.10 -23.18 -0.19
N LYS A 119 3.42 -23.02 -0.18
CA LYS A 119 4.28 -23.98 -0.89
C LYS A 119 4.10 -25.39 -0.32
N MET A 120 4.09 -25.51 1.00
CA MET A 120 3.92 -26.81 1.64
C MET A 120 2.55 -27.43 1.35
N ALA A 121 1.53 -26.57 1.23
CA ALA A 121 0.17 -27.03 0.90
C ALA A 121 0.01 -27.35 -0.58
N GLY A 122 0.98 -26.96 -1.40
CA GLY A 122 0.90 -27.13 -2.84
C GLY A 122 -0.17 -26.26 -3.49
N MET A 123 -0.41 -25.08 -2.92
CA MET A 123 -1.49 -24.19 -3.37
C MET A 123 -1.00 -22.75 -3.50
N PRO A 124 -1.57 -22.00 -4.47
CA PRO A 124 -1.36 -20.55 -4.45
C PRO A 124 -1.99 -19.98 -3.17
N LEU A 125 -1.39 -18.93 -2.64
CA LEU A 125 -1.76 -18.39 -1.34
C LEU A 125 -3.26 -18.06 -1.19
N TYR A 126 -3.90 -17.52 -2.22
CA TYR A 126 -5.32 -17.16 -2.07
C TYR A 126 -6.19 -18.37 -1.68
N GLN A 127 -5.78 -19.57 -2.07
CA GLN A 127 -6.54 -20.76 -1.70
C GLN A 127 -6.58 -20.98 -0.19
N LEU A 128 -5.47 -20.68 0.49
N LEU A 128 -5.46 -20.70 0.49
CA LEU A 128 -5.39 -20.89 1.94
CA LEU A 128 -5.39 -20.88 1.94
C LEU A 128 -6.20 -19.85 2.70
C LEU A 128 -6.21 -19.85 2.69
N LEU A 129 -6.38 -18.68 2.09
CA LEU A 129 -7.09 -17.58 2.76
C LEU A 129 -8.60 -17.80 2.72
N GLY A 130 -9.06 -18.73 1.88
CA GLY A 130 -10.49 -18.95 1.70
C GLY A 130 -10.92 -19.08 0.25
N GLY A 131 -9.96 -19.04 -0.66
CA GLY A 131 -10.28 -19.23 -2.07
C GLY A 131 -10.70 -17.96 -2.78
N ARG A 132 -11.00 -18.12 -4.06
CA ARG A 132 -11.27 -17.01 -4.97
C ARG A 132 -12.66 -16.41 -4.77
N SER A 133 -12.72 -15.08 -4.61
CA SER A 133 -13.99 -14.36 -4.57
C SER A 133 -14.30 -13.63 -5.89
N ARG A 134 -13.29 -13.51 -6.75
CA ARG A 134 -13.41 -12.72 -7.98
C ARG A 134 -12.37 -13.18 -8.98
N ASP A 135 -12.49 -12.70 -10.21
N ASP A 135 -12.49 -12.72 -10.22
CA ASP A 135 -11.58 -13.10 -11.27
CA ASP A 135 -11.55 -13.11 -11.26
C ASP A 135 -10.37 -12.17 -11.29
C ASP A 135 -10.36 -12.17 -11.29
N GLY A 136 -10.54 -11.01 -11.92
CA GLY A 136 -9.49 -10.00 -11.94
C GLY A 136 -9.63 -8.98 -10.83
N ILE A 137 -8.56 -8.23 -10.64
CA ILE A 137 -8.44 -7.24 -9.59
C ILE A 137 -8.42 -5.84 -10.21
N MET A 138 -9.48 -5.06 -9.99
CA MET A 138 -9.54 -3.71 -10.56
C MET A 138 -8.42 -2.84 -9.99
N VAL A 139 -7.71 -2.14 -10.87
CA VAL A 139 -6.68 -1.22 -10.44
C VAL A 139 -6.99 0.23 -10.80
N TYR A 140 -6.22 1.15 -10.22
CA TYR A 140 -6.14 2.49 -10.78
C TYR A 140 -4.69 2.85 -11.08
N GLY A 141 -4.50 3.69 -12.09
CA GLY A 141 -3.20 4.23 -12.43
C GLY A 141 -3.10 5.72 -12.10
N HIS A 142 -1.91 6.29 -12.29
CA HIS A 142 -1.64 7.68 -11.92
C HIS A 142 -1.52 8.60 -13.14
N ALA A 143 -2.54 9.40 -13.40
CA ALA A 143 -2.48 10.46 -14.41
C ALA A 143 -2.07 11.77 -13.74
N ASN A 144 -0.85 12.21 -14.04
CA ASN A 144 -0.30 13.44 -13.47
C ASN A 144 -0.08 14.50 -14.55
N GLY A 145 -0.28 15.77 -14.21
CA GLY A 145 0.03 16.87 -15.11
C GLY A 145 0.48 18.08 -14.33
N SER A 146 1.18 19.00 -15.00
CA SER A 146 1.65 20.20 -14.31
C SER A 146 0.54 21.24 -14.15
N ASP A 147 -0.50 21.10 -14.97
CA ASP A 147 -1.69 21.95 -14.89
C ASP A 147 -2.92 21.14 -15.32
N ILE A 148 -4.10 21.77 -15.31
CA ILE A 148 -5.32 21.04 -15.61
C ILE A 148 -5.31 20.44 -17.02
N ALA A 149 -4.89 21.24 -18.01
CA ALA A 149 -4.85 20.76 -19.39
C ALA A 149 -3.99 19.50 -19.54
N GLU A 150 -2.79 19.52 -18.96
CA GLU A 150 -1.89 18.38 -19.01
C GLU A 150 -2.48 17.16 -18.30
N THR A 151 -3.14 17.40 -17.17
CA THR A 151 -3.72 16.32 -16.39
C THR A 151 -4.89 15.68 -17.13
N VAL A 152 -5.71 16.51 -17.76
CA VAL A 152 -6.83 16.01 -18.56
C VAL A 152 -6.31 15.11 -19.70
N GLU A 153 -5.25 15.56 -20.34
N GLU A 153 -5.24 15.54 -20.36
CA GLU A 153 -4.60 14.78 -21.38
CA GLU A 153 -4.62 14.71 -21.41
C GLU A 153 -4.16 13.41 -20.86
C GLU A 153 -4.19 13.35 -20.83
N ALA A 154 -3.51 13.41 -19.69
CA ALA A 154 -2.99 12.18 -19.08
C ALA A 154 -4.12 11.20 -18.73
N VAL A 155 -5.22 11.70 -18.16
CA VAL A 155 -6.35 10.82 -17.85
C VAL A 155 -6.86 10.12 -19.13
N GLY A 156 -6.93 10.86 -20.23
CA GLY A 156 -7.33 10.27 -21.50
C GLY A 156 -6.44 9.12 -21.94
N HIS A 157 -5.14 9.27 -21.76
CA HIS A 157 -4.22 8.19 -22.12
C HIS A 157 -4.50 6.94 -21.27
N TYR A 158 -4.78 7.11 -19.97
CA TYR A 158 -5.12 5.96 -19.12
C TYR A 158 -6.44 5.31 -19.56
N ILE A 159 -7.44 6.13 -19.88
CA ILE A 159 -8.70 5.60 -20.41
C ILE A 159 -8.44 4.77 -21.67
N ASP A 160 -7.63 5.30 -22.56
CA ASP A 160 -7.35 4.62 -23.82
C ASP A 160 -6.58 3.31 -23.62
N MET A 161 -5.83 3.21 -22.53
CA MET A 161 -5.10 1.99 -22.19
C MET A 161 -6.00 0.95 -21.51
N GLY A 162 -7.27 1.27 -21.30
CA GLY A 162 -8.21 0.33 -20.72
C GLY A 162 -8.34 0.38 -19.21
N TYR A 163 -7.82 1.42 -18.58
CA TYR A 163 -8.00 1.59 -17.13
C TYR A 163 -9.45 1.98 -16.83
N LYS A 164 -10.03 1.32 -15.84
CA LYS A 164 -11.40 1.60 -15.40
C LYS A 164 -11.43 2.72 -14.37
N ALA A 165 -10.28 2.97 -13.74
CA ALA A 165 -10.16 3.89 -12.61
C ALA A 165 -8.83 4.63 -12.76
N ILE A 166 -8.86 5.92 -12.49
CA ILE A 166 -7.69 6.77 -12.70
C ILE A 166 -7.59 7.80 -11.59
N ARG A 167 -6.43 7.88 -10.94
CA ARG A 167 -6.15 8.97 -10.01
C ARG A 167 -5.66 10.17 -10.81
N ALA A 168 -6.23 11.35 -10.55
CA ALA A 168 -5.84 12.56 -11.26
C ALA A 168 -5.23 13.57 -10.29
N GLN A 169 -3.98 13.95 -10.57
CA GLN A 169 -3.26 14.93 -9.76
C GLN A 169 -2.69 16.01 -10.67
N THR A 170 -2.94 17.26 -10.31
CA THR A 170 -2.41 18.40 -11.05
C THR A 170 -1.51 19.27 -10.20
N GLY A 171 -0.47 19.84 -10.81
CA GLY A 171 0.24 20.94 -10.20
C GLY A 171 -0.69 22.13 -10.10
N VAL A 172 -0.35 23.06 -9.21
CA VAL A 172 -1.17 24.26 -9.01
C VAL A 172 -0.34 25.49 -9.36
N PRO A 173 -0.79 26.29 -10.34
CA PRO A 173 -0.08 27.53 -10.67
C PRO A 173 0.14 28.40 -9.43
N GLY A 174 1.38 28.82 -9.23
CA GLY A 174 1.72 29.58 -8.02
C GLY A 174 2.25 28.70 -6.90
N ILE A 175 2.24 27.38 -7.11
CA ILE A 175 2.81 26.46 -6.13
C ILE A 175 3.94 25.63 -6.73
N LYS A 176 5.03 25.51 -5.98
CA LYS A 176 6.19 24.74 -6.40
C LYS A 176 6.04 23.28 -5.94
N SER A 194 19.05 12.29 -3.21
CA SER A 194 20.14 11.97 -2.29
C SER A 194 19.94 12.66 -0.94
N LEU A 195 19.25 13.78 -0.96
CA LEU A 195 18.71 14.41 0.25
C LEU A 195 17.29 14.83 -0.10
N PRO A 196 16.40 15.01 0.91
CA PRO A 196 15.00 15.27 0.58
C PRO A 196 14.78 16.59 -0.18
N SER A 197 14.06 16.52 -1.30
CA SER A 197 13.65 17.72 -2.01
C SER A 197 12.65 18.49 -1.17
N VAL A 198 12.73 19.82 -1.19
CA VAL A 198 11.79 20.65 -0.45
C VAL A 198 10.79 21.26 -1.42
N THR A 199 9.52 20.92 -1.24
CA THR A 199 8.47 21.45 -2.10
C THR A 199 7.63 22.50 -1.37
N GLY A 200 6.88 23.29 -2.13
CA GLY A 200 6.03 24.32 -1.56
C GLY A 200 4.56 23.92 -1.56
N TRP A 201 3.76 24.62 -0.78
CA TRP A 201 2.32 24.37 -0.73
C TRP A 201 1.59 25.61 -0.27
N ASP A 202 0.39 25.81 -0.80
CA ASP A 202 -0.51 26.82 -0.29
C ASP A 202 -1.94 26.34 -0.44
N THR A 203 -2.65 26.23 0.68
CA THR A 203 -3.99 25.65 0.67
C THR A 203 -5.02 26.46 -0.12
N ARG A 204 -5.04 27.78 0.07
CA ARG A 204 -6.00 28.60 -0.65
C ARG A 204 -5.82 28.47 -2.17
N LYS A 205 -4.57 28.50 -2.65
CA LYS A 205 -4.34 28.34 -4.09
C LYS A 205 -4.91 27.01 -4.59
N ALA A 206 -4.74 25.95 -3.81
CA ALA A 206 -5.22 24.64 -4.22
C ALA A 206 -6.75 24.52 -4.16
N LEU A 207 -7.37 25.06 -3.10
CA LEU A 207 -8.83 25.03 -2.98
C LEU A 207 -9.49 25.77 -4.14
N ASN A 208 -8.81 26.78 -4.67
CA ASN A 208 -9.32 27.54 -5.80
C ASN A 208 -9.13 26.83 -7.15
N TYR A 209 -8.32 25.78 -7.19
CA TYR A 209 -7.89 25.20 -8.48
C TYR A 209 -8.30 23.75 -8.65
N VAL A 210 -8.12 22.94 -7.61
CA VAL A 210 -8.39 21.51 -7.70
C VAL A 210 -9.82 21.14 -8.17
N PRO A 211 -10.86 21.82 -7.64
CA PRO A 211 -12.19 21.42 -8.12
C PRO A 211 -12.37 21.61 -9.62
N LYS A 212 -11.69 22.58 -10.20
CA LYS A 212 -11.79 22.84 -11.64
C LYS A 212 -11.19 21.69 -12.47
N LEU A 213 -10.21 20.98 -11.91
CA LEU A 213 -9.69 19.78 -12.58
C LEU A 213 -10.79 18.75 -12.78
N PHE A 214 -11.54 18.47 -11.72
CA PHE A 214 -12.59 17.46 -11.81
C PHE A 214 -13.79 17.90 -12.64
N GLU A 215 -14.10 19.19 -12.59
CA GLU A 215 -15.08 19.75 -13.51
C GLU A 215 -14.67 19.49 -14.98
N GLU A 216 -13.43 19.79 -15.31
CA GLU A 216 -12.95 19.60 -16.67
C GLU A 216 -12.91 18.11 -17.07
N LEU A 217 -12.51 17.26 -16.13
CA LEU A 217 -12.48 15.83 -16.44
C LEU A 217 -13.88 15.28 -16.75
N ARG A 218 -14.88 15.68 -15.97
CA ARG A 218 -16.24 15.20 -16.24
C ARG A 218 -16.81 15.81 -17.52
N LYS A 219 -16.50 17.07 -17.79
CA LYS A 219 -16.92 17.69 -19.06
C LYS A 219 -16.33 16.94 -20.26
N THR A 220 -15.07 16.52 -20.14
CA THR A 220 -14.34 15.93 -21.25
C THR A 220 -14.64 14.43 -21.43
N TYR A 221 -14.72 13.70 -20.33
CA TYR A 221 -14.82 12.24 -20.38
C TYR A 221 -16.12 11.64 -19.87
N GLY A 222 -17.00 12.46 -19.31
CA GLY A 222 -18.24 11.94 -18.74
C GLY A 222 -18.03 11.21 -17.43
N PHE A 223 -19.06 10.48 -17.01
CA PHE A 223 -19.15 9.89 -15.68
C PHE A 223 -18.89 8.38 -15.64
N ASP A 224 -18.51 7.78 -16.75
CA ASP A 224 -18.31 6.32 -16.76
C ASP A 224 -17.11 5.83 -15.95
N HIS A 225 -16.04 6.62 -15.93
N HIS A 225 -16.05 6.63 -15.90
CA HIS A 225 -14.79 6.17 -15.29
CA HIS A 225 -14.81 6.18 -15.28
C HIS A 225 -14.71 6.58 -13.82
C HIS A 225 -14.70 6.59 -13.82
N HIS A 226 -14.10 5.72 -13.02
CA HIS A 226 -13.85 6.00 -11.61
C HIS A 226 -12.71 7.01 -11.54
N LEU A 227 -12.91 8.13 -10.87
CA LEU A 227 -11.88 9.16 -10.73
C LEU A 227 -11.49 9.36 -9.27
N LEU A 228 -10.19 9.33 -9.00
CA LEU A 228 -9.66 9.38 -7.65
C LEU A 228 -8.77 10.61 -7.46
N HIS A 229 -8.71 11.11 -6.22
CA HIS A 229 -7.81 12.22 -5.88
C HIS A 229 -7.17 11.99 -4.53
N ASP A 230 -5.87 12.24 -4.45
CA ASP A 230 -5.08 12.12 -3.24
C ASP A 230 -4.82 13.53 -2.68
N GLY A 231 -5.39 13.85 -1.53
CA GLY A 231 -5.19 15.13 -0.88
C GLY A 231 -3.85 15.30 -0.20
N HIS A 232 -3.07 14.22 -0.10
CA HIS A 232 -1.68 14.28 0.35
C HIS A 232 -1.48 14.96 1.69
N HIS A 233 -2.43 14.76 2.61
CA HIS A 233 -2.31 15.21 3.99
C HIS A 233 -2.29 16.73 4.13
N ARG A 234 -2.74 17.48 3.12
CA ARG A 234 -2.46 18.92 3.07
C ARG A 234 -3.44 19.80 3.83
N TYR A 235 -4.65 19.29 4.07
CA TYR A 235 -5.79 20.11 4.52
C TYR A 235 -6.12 19.90 5.99
N THR A 236 -6.70 20.91 6.64
CA THR A 236 -7.32 20.72 7.94
C THR A 236 -8.67 19.99 7.73
N PRO A 237 -9.30 19.51 8.82
CA PRO A 237 -10.61 18.85 8.65
C PRO A 237 -11.66 19.77 7.99
N GLN A 238 -11.76 21.03 8.44
CA GLN A 238 -12.71 21.96 7.84
C GLN A 238 -12.41 22.18 6.35
N GLU A 239 -11.13 22.28 6.00
CA GLU A 239 -10.73 22.49 4.61
C GLU A 239 -11.07 21.27 3.75
N ALA A 240 -10.87 20.09 4.32
CA ALA A 240 -11.21 18.85 3.62
C ALA A 240 -12.72 18.74 3.42
N ALA A 241 -13.50 19.20 4.40
CA ALA A 241 -14.95 19.24 4.27
C ALA A 241 -15.36 20.15 3.11
N ASN A 242 -14.76 21.34 3.08
CA ASN A 242 -14.95 22.33 2.02
C ASN A 242 -14.64 21.71 0.64
N LEU A 243 -13.43 21.17 0.51
CA LEU A 243 -13.01 20.52 -0.74
C LEU A 243 -13.94 19.37 -1.12
N GLY A 244 -14.28 18.51 -0.16
CA GLY A 244 -15.18 17.40 -0.42
C GLY A 244 -16.53 17.86 -0.99
N LYS A 245 -17.11 18.89 -0.38
CA LYS A 245 -18.35 19.45 -0.90
C LYS A 245 -18.19 19.99 -2.32
N MET A 246 -17.10 20.71 -2.58
CA MET A 246 -16.86 21.24 -3.91
C MET A 246 -16.67 20.15 -4.96
N LEU A 247 -16.27 18.96 -4.52
CA LEU A 247 -16.04 17.86 -5.45
C LEU A 247 -17.30 17.00 -5.69
N GLU A 248 -18.34 17.19 -4.87
CA GLU A 248 -19.56 16.37 -5.00
C GLU A 248 -20.19 16.28 -6.39
N PRO A 249 -20.26 17.40 -7.15
CA PRO A 249 -20.90 17.29 -8.47
C PRO A 249 -20.16 16.34 -9.40
N TYR A 250 -18.91 16.00 -9.08
CA TYR A 250 -18.08 15.23 -10.01
C TYR A 250 -17.98 13.75 -9.64
N GLN A 251 -18.67 13.34 -8.58
CA GLN A 251 -18.85 11.92 -8.28
C GLN A 251 -17.51 11.15 -8.23
N LEU A 252 -16.63 11.57 -7.33
CA LEU A 252 -15.33 10.90 -7.19
C LEU A 252 -15.45 9.51 -6.58
N PHE A 253 -14.53 8.63 -6.96
CA PHE A 253 -14.40 7.31 -6.34
C PHE A 253 -13.88 7.45 -4.91
N TRP A 254 -12.89 8.32 -4.71
CA TRP A 254 -12.48 8.71 -3.37
C TRP A 254 -11.67 10.01 -3.36
N LEU A 255 -11.70 10.66 -2.20
CA LEU A 255 -10.73 11.68 -1.80
C LEU A 255 -9.90 11.04 -0.69
N GLU A 256 -8.59 10.94 -0.93
CA GLU A 256 -7.67 10.17 -0.08
C GLU A 256 -6.80 11.05 0.81
N ASP A 257 -6.51 10.56 2.01
CA ASP A 257 -5.57 11.19 2.94
C ASP A 257 -5.79 12.71 3.04
N CYS A 258 -7.04 13.10 3.23
CA CYS A 258 -7.38 14.52 3.11
C CYS A 258 -6.76 15.38 4.21
N THR A 259 -6.58 14.80 5.40
CA THR A 259 -6.06 15.48 6.57
C THR A 259 -5.27 14.45 7.41
N PRO A 260 -4.20 14.90 8.10
CA PRO A 260 -3.47 13.95 8.94
C PRO A 260 -4.39 13.26 9.95
N ALA A 261 -4.12 11.97 10.18
CA ALA A 261 -5.06 11.11 10.90
C ALA A 261 -4.49 10.42 12.14
N GLU A 262 -3.38 10.92 12.70
CA GLU A 262 -2.92 10.39 13.99
C GLU A 262 -4.01 10.57 15.04
N ASN A 263 -4.72 11.68 14.97
CA ASN A 263 -5.95 11.88 15.73
C ASN A 263 -7.10 11.32 14.90
N GLN A 264 -7.66 10.18 15.31
CA GLN A 264 -8.70 9.54 14.52
C GLN A 264 -10.02 10.32 14.51
N GLU A 265 -10.13 11.33 15.38
CA GLU A 265 -11.28 12.25 15.30
C GLU A 265 -11.15 13.25 14.15
N ALA A 266 -9.99 13.31 13.48
CA ALA A 266 -9.77 14.33 12.46
C ALA A 266 -10.74 14.21 11.28
N PHE A 267 -11.26 13.02 11.01
CA PHE A 267 -12.16 12.84 9.87
C PHE A 267 -13.62 13.17 10.21
N ARG A 268 -13.92 13.49 11.47
CA ARG A 268 -15.31 13.65 11.86
C ARG A 268 -16.02 14.79 11.13
N LEU A 269 -15.42 15.97 11.12
CA LEU A 269 -16.02 17.11 10.43
C LEU A 269 -16.15 16.87 8.92
N VAL A 270 -15.20 16.16 8.35
CA VAL A 270 -15.22 15.90 6.91
C VAL A 270 -16.44 15.03 6.59
N ARG A 271 -16.59 13.94 7.33
CA ARG A 271 -17.69 13.00 7.12
C ARG A 271 -19.06 13.63 7.37
N GLN A 272 -19.13 14.53 8.33
CA GLN A 272 -20.37 15.22 8.64
C GLN A 272 -20.86 16.08 7.48
N HIS A 273 -19.91 16.63 6.72
CA HIS A 273 -20.22 17.68 5.75
C HIS A 273 -20.25 17.27 4.28
N THR A 274 -19.68 16.13 3.92
CA THR A 274 -19.65 15.73 2.52
C THR A 274 -20.04 14.27 2.28
N VAL A 275 -20.60 14.00 1.12
CA VAL A 275 -20.84 12.64 0.64
C VAL A 275 -19.81 12.18 -0.39
N THR A 276 -18.76 12.96 -0.62
CA THR A 276 -17.63 12.48 -1.40
C THR A 276 -16.97 11.33 -0.63
N PRO A 277 -16.71 10.18 -1.27
CA PRO A 277 -16.16 9.07 -0.50
C PRO A 277 -14.74 9.35 0.01
N LEU A 278 -14.40 8.78 1.17
CA LEU A 278 -13.13 9.06 1.81
C LEU A 278 -12.27 7.81 1.95
N ALA A 279 -10.96 7.97 1.73
CA ALA A 279 -9.99 6.89 1.88
C ALA A 279 -8.82 7.34 2.72
N VAL A 280 -8.20 6.40 3.43
CA VAL A 280 -7.01 6.73 4.22
C VAL A 280 -6.25 5.45 4.55
N GLY A 281 -4.95 5.58 4.84
CA GLY A 281 -4.27 4.53 5.59
C GLY A 281 -3.00 3.90 5.03
N GLU A 282 -2.46 4.39 3.92
CA GLU A 282 -1.21 3.83 3.41
C GLU A 282 -0.09 3.88 4.45
N ILE A 283 -0.10 4.91 5.30
CA ILE A 283 0.95 5.05 6.31
C ILE A 283 0.60 4.38 7.63
N PHE A 284 -0.58 3.76 7.72
CA PHE A 284 -0.94 3.05 8.94
C PHE A 284 -0.15 1.75 9.04
N ASN A 285 0.09 1.28 10.27
CA ASN A 285 0.82 0.04 10.45
C ASN A 285 0.17 -0.99 11.37
N THR A 286 -0.92 -0.62 12.05
CA THR A 286 -1.70 -1.59 12.82
C THR A 286 -3.18 -1.21 12.80
N ILE A 287 -4.02 -2.16 13.19
CA ILE A 287 -5.45 -1.94 13.28
C ILE A 287 -5.77 -0.80 14.27
N TRP A 288 -4.87 -0.58 15.22
CA TRP A 288 -5.06 0.45 16.25
C TRP A 288 -5.05 1.85 15.67
N ASP A 289 -4.45 2.01 14.48
CA ASP A 289 -4.44 3.29 13.76
C ASP A 289 -5.78 3.59 13.09
N ALA A 290 -6.63 2.58 12.94
CA ALA A 290 -7.82 2.69 12.09
C ALA A 290 -9.12 2.32 12.77
N LYS A 291 -9.06 1.74 13.97
CA LYS A 291 -10.28 1.18 14.56
C LYS A 291 -11.42 2.18 14.71
N ASP A 292 -11.10 3.42 15.10
CA ASP A 292 -12.13 4.43 15.29
C ASP A 292 -12.60 5.03 13.98
N LEU A 293 -11.68 5.24 13.05
CA LEU A 293 -12.04 5.69 11.71
C LEU A 293 -13.05 4.73 11.09
N ILE A 294 -12.86 3.44 11.30
CA ILE A 294 -13.79 2.42 10.80
C ILE A 294 -15.09 2.35 11.61
N GLN A 295 -14.99 2.18 12.93
CA GLN A 295 -16.20 1.95 13.73
C GLN A 295 -17.12 3.18 13.78
N ASN A 296 -16.55 4.37 13.67
CA ASN A 296 -17.33 5.60 13.62
C ASN A 296 -17.80 5.93 12.20
N GLN A 297 -17.52 5.04 11.26
CA GLN A 297 -17.96 5.19 9.86
C GLN A 297 -17.51 6.51 9.26
N LEU A 298 -16.20 6.75 9.34
CA LEU A 298 -15.60 7.99 8.85
C LEU A 298 -14.90 7.81 7.51
N ILE A 299 -14.76 6.58 7.04
CA ILE A 299 -14.06 6.29 5.79
C ILE A 299 -14.78 5.21 4.99
N ASP A 300 -14.60 5.24 3.68
CA ASP A 300 -15.15 4.23 2.78
C ASP A 300 -14.14 3.18 2.33
N TYR A 301 -12.87 3.56 2.30
CA TYR A 301 -11.82 2.64 1.88
C TYR A 301 -10.63 2.72 2.82
N ILE A 302 -10.13 1.56 3.23
CA ILE A 302 -8.94 1.46 4.07
C ILE A 302 -7.75 1.05 3.20
N ARG A 303 -6.68 1.84 3.25
CA ARG A 303 -5.56 1.72 2.30
C ARG A 303 -4.32 1.03 2.83
N ALA A 304 -4.42 0.47 4.04
CA ALA A 304 -3.32 -0.28 4.64
C ALA A 304 -2.90 -1.44 3.74
N THR A 305 -1.62 -1.80 3.81
CA THR A 305 -1.04 -2.81 2.92
C THR A 305 -0.42 -3.98 3.67
N VAL A 306 -0.14 -5.04 2.93
N VAL A 306 -0.12 -5.06 2.95
CA VAL A 306 0.50 -6.22 3.51
CA VAL A 306 0.49 -6.22 3.59
C VAL A 306 1.85 -5.87 4.16
C VAL A 306 1.88 -5.89 4.17
N VAL A 307 2.64 -5.02 3.51
CA VAL A 307 3.96 -4.65 4.02
C VAL A 307 3.86 -3.58 5.11
N GLY A 308 2.91 -2.65 4.97
CA GLY A 308 2.82 -1.55 5.93
C GLY A 308 2.27 -1.98 7.28
N ALA A 309 1.32 -2.92 7.25
CA ALA A 309 0.50 -3.21 8.42
C ALA A 309 0.56 -4.68 8.87
N GLY A 310 1.76 -5.25 8.86
CA GLY A 310 1.99 -6.49 9.58
C GLY A 310 1.63 -7.80 8.90
N GLY A 311 1.61 -7.81 7.57
CA GLY A 311 1.47 -9.04 6.82
C GLY A 311 0.04 -9.46 6.53
N LEU A 312 -0.12 -10.65 5.96
CA LEU A 312 -1.44 -11.23 5.74
C LEU A 312 -2.19 -11.41 7.05
N THR A 313 -1.51 -11.89 8.08
CA THR A 313 -2.12 -12.16 9.38
C THR A 313 -2.86 -10.92 9.91
N HIS A 314 -2.19 -9.77 9.88
CA HIS A 314 -2.78 -8.58 10.48
C HIS A 314 -3.70 -7.84 9.51
N LEU A 315 -3.35 -7.80 8.23
CA LEU A 315 -4.21 -7.10 7.28
C LEU A 315 -5.59 -7.73 7.20
N ARG A 316 -5.68 -9.05 7.37
N ARG A 316 -5.61 -9.04 7.35
CA ARG A 316 -6.96 -9.75 7.39
CA ARG A 316 -6.85 -9.78 7.40
C ARG A 316 -7.87 -9.21 8.49
C ARG A 316 -7.78 -9.24 8.48
N ARG A 317 -7.29 -8.95 9.66
N ARG A 317 -7.26 -8.97 9.67
CA ARG A 317 -8.04 -8.43 10.79
CA ARG A 317 -8.03 -8.40 10.77
C ARG A 317 -8.55 -7.00 10.51
C ARG A 317 -8.58 -7.02 10.44
N ILE A 318 -7.74 -6.18 9.84
CA ILE A 318 -8.16 -4.84 9.44
C ILE A 318 -9.32 -4.94 8.43
N ALA A 319 -9.19 -5.79 7.44
CA ALA A 319 -10.23 -5.92 6.42
C ALA A 319 -11.54 -6.41 7.02
N ASP A 320 -11.45 -7.35 7.96
N ASP A 320 -11.44 -7.32 7.97
CA ASP A 320 -12.64 -7.89 8.59
CA ASP A 320 -12.64 -7.87 8.58
C ASP A 320 -13.39 -6.84 9.43
C ASP A 320 -13.38 -6.82 9.40
N LEU A 321 -12.64 -6.03 10.18
CA LEU A 321 -13.26 -4.96 10.96
C LEU A 321 -13.96 -4.00 10.00
N ALA A 322 -13.27 -3.62 8.93
CA ALA A 322 -13.84 -2.78 7.90
C ALA A 322 -15.16 -3.34 7.34
N SER A 323 -15.18 -4.65 7.07
N SER A 323 -15.17 -4.64 7.06
CA SER A 323 -16.35 -5.26 6.46
CA SER A 323 -16.35 -5.28 6.48
C SER A 323 -17.63 -5.09 7.29
C SER A 323 -17.62 -5.09 7.32
N LEU A 324 -17.51 -5.06 8.61
N LEU A 324 -17.46 -5.04 8.65
CA LEU A 324 -18.67 -4.91 9.49
CA LEU A 324 -18.59 -4.89 9.56
C LEU A 324 -19.43 -3.63 9.22
C LEU A 324 -19.40 -3.63 9.26
N TYR A 325 -18.71 -2.62 8.74
CA TYR A 325 -19.28 -1.31 8.45
C TYR A 325 -19.35 -1.01 6.95
N GLN A 326 -19.18 -2.05 6.13
CA GLN A 326 -19.20 -1.94 4.67
C GLN A 326 -18.07 -1.09 4.10
N VAL A 327 -17.01 -0.93 4.89
CA VAL A 327 -15.78 -0.29 4.43
C VAL A 327 -15.02 -1.31 3.59
N ARG A 328 -14.42 -0.85 2.50
CA ARG A 328 -13.77 -1.74 1.54
C ARG A 328 -12.26 -1.56 1.52
N THR A 329 -11.54 -2.55 1.00
CA THR A 329 -10.09 -2.42 0.88
C THR A 329 -9.69 -1.60 -0.35
N GLY A 330 -8.67 -0.76 -0.18
CA GLY A 330 -8.11 0.01 -1.27
C GLY A 330 -6.61 0.08 -1.17
N CYS A 331 -5.96 -1.08 -1.10
CA CYS A 331 -4.53 -1.14 -0.80
C CYS A 331 -3.67 -0.22 -1.65
N HIS A 332 -2.83 0.55 -0.96
CA HIS A 332 -1.76 1.32 -1.56
C HIS A 332 -0.87 0.38 -2.38
N GLY A 333 -0.26 0.93 -3.43
CA GLY A 333 0.39 0.12 -4.45
C GLY A 333 1.45 0.87 -5.25
N ALA A 334 2.10 1.82 -4.58
CA ALA A 334 3.20 2.56 -5.21
C ALA A 334 4.42 1.64 -5.39
N THR A 335 5.39 2.11 -6.18
CA THR A 335 6.53 1.28 -6.55
C THR A 335 7.47 0.91 -5.38
N ASP A 336 7.37 1.65 -4.28
CA ASP A 336 8.20 1.36 -3.11
C ASP A 336 7.71 0.15 -2.31
N LEU A 337 6.63 -0.47 -2.76
CA LEU A 337 6.22 -1.78 -2.29
C LEU A 337 6.71 -2.77 -3.34
N SER A 338 7.57 -3.72 -2.95
CA SER A 338 8.23 -4.57 -3.95
C SER A 338 7.24 -5.55 -4.59
N PRO A 339 7.66 -6.22 -5.69
CA PRO A 339 6.78 -7.25 -6.27
C PRO A 339 6.40 -8.35 -5.28
N VAL A 340 7.19 -8.57 -4.23
CA VAL A 340 6.79 -9.52 -3.18
C VAL A 340 5.51 -9.06 -2.50
N THR A 341 5.47 -7.78 -2.13
CA THR A 341 4.24 -7.20 -1.60
C THR A 341 3.10 -7.29 -2.63
N MET A 342 3.38 -6.98 -3.90
CA MET A 342 2.29 -7.01 -4.88
C MET A 342 1.72 -8.43 -5.02
N GLY A 343 2.57 -9.44 -5.05
CA GLY A 343 2.07 -10.82 -5.11
C GLY A 343 1.17 -11.14 -3.94
N CYS A 344 1.63 -10.83 -2.73
CA CYS A 344 0.82 -11.06 -1.53
C CYS A 344 -0.48 -10.25 -1.57
N ALA A 345 -0.39 -9.00 -2.02
CA ALA A 345 -1.55 -8.11 -2.10
C ALA A 345 -2.59 -8.68 -3.06
N LEU A 346 -2.12 -9.26 -4.18
CA LEU A 346 -3.06 -9.78 -5.17
C LEU A 346 -3.70 -11.09 -4.70
N HIS A 347 -2.97 -11.93 -3.98
CA HIS A 347 -3.59 -13.10 -3.35
C HIS A 347 -4.66 -12.67 -2.35
N PHE A 348 -4.31 -11.70 -1.51
CA PHE A 348 -5.26 -11.11 -0.57
C PHE A 348 -6.49 -10.54 -1.32
N ASP A 349 -6.25 -9.72 -2.34
CA ASP A 349 -7.32 -9.07 -3.10
C ASP A 349 -8.24 -10.07 -3.81
N THR A 350 -7.68 -11.22 -4.20
CA THR A 350 -8.44 -12.23 -4.94
C THR A 350 -9.46 -12.93 -4.03
N TRP A 351 -9.12 -13.06 -2.74
CA TRP A 351 -9.97 -13.70 -1.74
C TRP A 351 -10.91 -12.73 -1.01
N VAL A 352 -10.41 -11.57 -0.60
CA VAL A 352 -11.10 -10.78 0.42
C VAL A 352 -12.51 -10.35 -0.02
N PRO A 353 -13.53 -10.62 0.80
CA PRO A 353 -14.87 -10.32 0.27
C PRO A 353 -15.12 -8.83 0.01
N ASN A 354 -14.65 -7.98 0.91
CA ASN A 354 -14.88 -6.54 0.79
C ASN A 354 -13.77 -5.78 0.05
N PHE A 355 -13.30 -6.38 -1.04
CA PHE A 355 -12.36 -5.70 -1.94
C PHE A 355 -12.99 -4.47 -2.58
N GLY A 356 -12.23 -3.38 -2.64
CA GLY A 356 -12.65 -2.17 -3.33
C GLY A 356 -11.85 -1.87 -4.60
N ILE A 357 -10.53 -1.73 -4.45
CA ILE A 357 -9.65 -1.42 -5.58
C ILE A 357 -8.21 -1.71 -5.15
N GLN A 358 -7.31 -1.84 -6.13
CA GLN A 358 -5.88 -1.99 -5.86
C GLN A 358 -5.11 -0.92 -6.61
N GLU A 359 -4.32 -0.10 -5.89
CA GLU A 359 -3.44 0.84 -6.58
C GLU A 359 -2.36 0.07 -7.37
N TYR A 360 -2.04 0.53 -8.57
CA TYR A 360 -1.00 -0.10 -9.38
C TYR A 360 -0.09 0.91 -10.07
N MET A 361 1.15 1.00 -9.59
CA MET A 361 2.24 1.68 -10.30
C MET A 361 3.20 0.60 -10.80
N ARG A 362 3.53 0.63 -12.09
CA ARG A 362 4.38 -0.39 -12.68
C ARG A 362 5.81 -0.27 -12.19
N HIS A 363 6.41 -1.39 -11.83
CA HIS A 363 7.84 -1.45 -11.51
C HIS A 363 8.69 -1.37 -12.78
N THR A 364 9.97 -1.08 -12.61
CA THR A 364 10.90 -1.10 -13.73
C THR A 364 11.13 -2.53 -14.22
N GLU A 365 11.63 -2.64 -15.45
CA GLU A 365 11.97 -3.94 -16.02
C GLU A 365 13.03 -4.65 -15.16
N GLU A 366 13.98 -3.89 -14.64
CA GLU A 366 15.03 -4.45 -13.80
C GLU A 366 14.46 -4.99 -12.48
N THR A 367 13.52 -4.27 -11.89
CA THR A 367 12.85 -4.76 -10.69
C THR A 367 12.09 -6.06 -10.98
N ASP A 368 11.38 -6.10 -12.11
CA ASP A 368 10.65 -7.31 -12.50
C ASP A 368 11.57 -8.52 -12.70
N ALA A 369 12.77 -8.28 -13.21
CA ALA A 369 13.75 -9.35 -13.41
C ALA A 369 14.34 -9.86 -12.08
N VAL A 370 14.57 -8.95 -11.14
CA VAL A 370 15.10 -9.34 -9.84
C VAL A 370 14.08 -10.14 -9.03
N PHE A 371 12.80 -9.82 -9.21
CA PHE A 371 11.71 -10.47 -8.48
C PHE A 371 10.72 -11.16 -9.42
N PRO A 372 11.12 -12.29 -10.04
CA PRO A 372 10.18 -13.00 -10.92
C PRO A 372 8.88 -13.36 -10.18
N HIS A 373 7.76 -13.21 -10.86
CA HIS A 373 6.46 -13.30 -10.20
C HIS A 373 5.39 -13.86 -11.14
N ASP A 374 4.36 -14.43 -10.54
CA ASP A 374 3.23 -14.99 -11.27
C ASP A 374 2.01 -14.10 -11.03
N TYR A 375 2.06 -12.91 -11.61
CA TYR A 375 0.89 -12.05 -11.75
C TYR A 375 1.08 -11.25 -13.03
N TRP A 376 -0.02 -10.77 -13.59
CA TRP A 376 0.03 -10.02 -14.85
C TRP A 376 -1.13 -9.03 -14.96
N PHE A 377 -0.99 -8.10 -15.90
CA PHE A 377 -1.94 -7.01 -16.10
C PHE A 377 -2.60 -7.14 -17.47
N GLU A 378 -3.91 -6.94 -17.52
CA GLU A 378 -4.64 -6.97 -18.79
C GLU A 378 -5.91 -6.13 -18.66
N LYS A 379 -6.09 -5.18 -19.56
CA LYS A 379 -7.31 -4.38 -19.66
C LYS A 379 -7.82 -3.85 -18.32
N GLY A 380 -6.95 -3.18 -17.56
CA GLY A 380 -7.37 -2.51 -16.35
C GLY A 380 -7.50 -3.38 -15.12
N GLU A 381 -7.07 -4.64 -15.23
CA GLU A 381 -7.11 -5.57 -14.10
C GLU A 381 -5.80 -6.29 -13.92
N LEU A 382 -5.41 -6.51 -12.66
CA LEU A 382 -4.33 -7.43 -12.33
C LEU A 382 -4.91 -8.82 -12.05
N PHE A 383 -4.11 -9.85 -12.32
CA PHE A 383 -4.49 -11.24 -12.08
C PHE A 383 -3.36 -11.95 -11.38
N VAL A 384 -3.67 -12.70 -10.34
CA VAL A 384 -2.66 -13.53 -9.70
C VAL A 384 -2.65 -14.94 -10.33
N GLY A 385 -1.48 -15.56 -10.42
CA GLY A 385 -1.36 -16.90 -10.98
C GLY A 385 -1.49 -18.01 -9.95
N GLU A 386 -1.31 -19.25 -10.40
CA GLU A 386 -1.58 -20.43 -9.57
C GLU A 386 -0.32 -21.06 -8.96
N THR A 387 0.83 -20.41 -9.11
CA THR A 387 2.08 -20.93 -8.54
C THR A 387 1.95 -21.09 -7.01
N PRO A 388 2.29 -22.27 -6.47
CA PRO A 388 2.25 -22.42 -5.01
C PRO A 388 3.15 -21.41 -4.30
N GLY A 389 2.70 -20.90 -3.16
CA GLY A 389 3.36 -19.79 -2.49
C GLY A 389 2.60 -18.51 -2.79
N HIS A 390 3.22 -17.35 -2.55
CA HIS A 390 2.65 -16.11 -3.07
C HIS A 390 3.01 -15.86 -4.54
N GLY A 391 3.82 -16.75 -5.11
CA GLY A 391 4.15 -16.70 -6.53
C GLY A 391 5.33 -15.83 -6.89
N VAL A 392 5.98 -15.21 -5.91
CA VAL A 392 7.13 -14.35 -6.16
C VAL A 392 8.39 -15.01 -5.60
N ASP A 393 9.52 -14.76 -6.27
CA ASP A 393 10.82 -15.19 -5.77
C ASP A 393 11.82 -14.06 -6.00
N ILE A 394 13.05 -14.25 -5.52
CA ILE A 394 14.11 -13.28 -5.72
C ILE A 394 15.33 -13.95 -6.33
N ASP A 395 15.85 -13.35 -7.40
CA ASP A 395 17.07 -13.82 -8.03
C ASP A 395 18.24 -13.16 -7.30
N GLU A 396 18.85 -13.88 -6.36
CA GLU A 396 19.88 -13.27 -5.52
C GLU A 396 21.12 -12.84 -6.29
N GLU A 397 21.52 -13.65 -7.27
CA GLU A 397 22.70 -13.33 -8.07
C GLU A 397 22.48 -12.02 -8.83
N LEU A 398 21.30 -11.86 -9.41
CA LEU A 398 21.01 -10.63 -10.15
C LEU A 398 20.84 -9.46 -9.19
N ALA A 399 20.17 -9.69 -8.07
CA ALA A 399 19.94 -8.63 -7.08
C ALA A 399 21.25 -7.99 -6.60
N ALA A 400 22.29 -8.81 -6.48
CA ALA A 400 23.59 -8.35 -6.00
C ALA A 400 24.29 -7.38 -6.97
N LYS A 401 23.80 -7.31 -8.22
CA LYS A 401 24.40 -6.42 -9.22
C LYS A 401 23.84 -5.00 -9.19
N TYR A 402 22.84 -4.76 -8.34
CA TYR A 402 22.25 -3.43 -8.20
C TYR A 402 22.43 -2.94 -6.76
N PRO A 403 23.51 -2.19 -6.49
CA PRO A 403 23.80 -1.78 -5.11
C PRO A 403 22.85 -0.72 -4.54
N TYR A 404 22.58 -0.84 -3.24
CA TYR A 404 21.83 0.15 -2.49
C TYR A 404 22.31 1.58 -2.75
N LYS A 405 21.38 2.51 -2.88
CA LYS A 405 21.71 3.93 -3.05
C LYS A 405 20.70 4.76 -2.26
N PRO A 406 21.18 5.60 -1.31
CA PRO A 406 20.23 6.36 -0.49
C PRO A 406 19.29 7.24 -1.33
N ALA A 407 18.00 7.24 -0.98
CA ALA A 407 17.03 8.09 -1.63
C ALA A 407 15.90 8.41 -0.66
N TYR A 408 15.48 9.67 -0.63
CA TYR A 408 14.52 10.16 0.34
C TYR A 408 13.22 10.62 -0.30
N LEU A 409 12.14 10.50 0.46
CA LEU A 409 10.90 11.18 0.10
C LEU A 409 11.04 12.69 0.26
N PRO A 410 10.31 13.47 -0.57
CA PRO A 410 10.33 14.93 -0.41
C PRO A 410 9.67 15.38 0.89
N VAL A 411 9.91 16.64 1.24
CA VAL A 411 9.18 17.29 2.32
C VAL A 411 8.45 18.51 1.75
N ALA A 412 7.50 19.04 2.51
CA ALA A 412 6.73 20.21 2.08
C ALA A 412 6.75 21.30 3.15
N ARG A 413 6.82 22.55 2.69
CA ARG A 413 6.71 23.72 3.57
C ARG A 413 5.71 24.71 3.00
N LEU A 414 5.02 25.41 3.89
CA LEU A 414 4.12 26.50 3.48
C LEU A 414 4.94 27.68 2.96
N GLU A 415 4.25 28.66 2.41
CA GLU A 415 4.94 29.79 1.79
C GLU A 415 5.81 30.58 2.77
N ASP A 416 5.42 30.60 4.04
CA ASP A 416 6.19 31.34 5.05
C ASP A 416 7.34 30.52 5.65
N GLY A 417 7.50 29.28 5.17
CA GLY A 417 8.54 28.41 5.69
C GLY A 417 8.07 27.33 6.66
N THR A 418 6.81 27.38 7.07
CA THR A 418 6.29 26.41 8.07
C THR A 418 6.43 24.98 7.57
N MET A 419 7.06 24.12 8.37
CA MET A 419 7.12 22.69 8.05
C MET A 419 5.71 22.13 7.95
N TRP A 420 5.43 21.43 6.83
CA TRP A 420 4.08 20.93 6.57
C TRP A 420 4.12 19.43 6.28
N ASN A 421 2.97 18.92 5.82
CA ASN A 421 2.81 17.50 5.52
C ASN A 421 2.95 17.28 4.02
N TRP A 422 3.91 16.49 3.59
CA TRP A 422 4.05 16.20 2.17
C TRP A 422 3.05 15.12 1.72
#